data_5NLB
#
_entry.id   5NLB
#
_cell.length_a   41.000
_cell.length_b   233.380
_cell.length_c   164.710
_cell.angle_alpha   90.00
_cell.angle_beta   90.00
_cell.angle_gamma   90.00
#
_symmetry.space_group_name_H-M   'C 2 2 21'
#
loop_
_entity.id
_entity.type
_entity.pdbx_description
1 polymer 'Kelch-like ECH-associated protein 1'
2 polymer Cullin-3
#
loop_
_entity_poly.entity_id
_entity_poly.type
_entity_poly.pdbx_seq_one_letter_code
_entity_poly.pdbx_strand_id
1 'polypeptide(L)'
;TFSYTLEDHTKQAFGIMNELRLSQQLCDVTLQVKYQDAPAAQFMAHKVVLASSSPVFKAMFTNGLREQGMEVVSIEGIHP
KVMERLIEFAYTASISMGEKCVLHVMNGAVMYQIDSVVRACSDFLVQQLDPSNAIGIANFAEQIGCVELHQRAR
;
A
2 'polypeptide(L)'
;DEKYVNSIWDLLKNAIQEIQRKNNSGLSFEELYRNAYTMVLHKHGEKLYTGLREVVTEHLINKVREDVLNSLNNNFLQTL
NQAWNDHQTAMVMIRDILMYMDRVYVQQNNVENVYNLGLIIFRDQVVRYGCIRDHLRQTLLDMIARERKGEVVDRGAIRN
ACQMLMILGLEGRSVYEEDFEAPFLEMSAEFFQMESQKFLAENSASVYIKKVEARINEEIERVMHCLDKSTEEPIVKVVE
RELISKHMKTIVEMENSGLVHMLKNGKTEDLGCMYKLFSRVPNGLKTMCECMSSYLREQGKALVSEEGEGKNPVDYRQGL
DDLKSRFDRFLLESFNNDRLFKQTIAGDFEYFLNLN
;
B
#
# COMPACT_ATOMS: atom_id res chain seq x y z
N THR A 1 13.86 5.74 -27.26
CA THR A 1 15.16 5.64 -26.60
C THR A 1 15.68 6.98 -26.02
N PHE A 2 15.17 8.14 -26.49
CA PHE A 2 15.52 9.46 -25.95
C PHE A 2 14.60 9.83 -24.78
N SER A 3 14.86 11.02 -24.19
CA SER A 3 13.98 11.68 -23.22
C SER A 3 14.59 13.02 -22.78
N TYR A 4 13.86 14.11 -23.01
CA TYR A 4 14.32 15.49 -22.84
C TYR A 4 13.53 16.20 -21.74
N THR A 5 14.06 17.33 -21.28
CA THR A 5 13.41 18.18 -20.29
C THR A 5 13.79 19.64 -20.57
N LEU A 6 12.93 20.57 -20.19
CA LEU A 6 13.18 22.00 -20.44
C LEU A 6 12.87 22.79 -19.18
N GLU A 7 13.92 23.11 -18.41
CA GLU A 7 13.71 23.71 -17.09
C GLU A 7 13.09 25.09 -17.20
N ASP A 8 13.38 25.81 -18.29
CA ASP A 8 12.80 27.12 -18.55
C ASP A 8 11.27 27.07 -18.78
N HIS A 9 10.65 25.88 -18.75
CA HIS A 9 9.29 25.77 -19.26
C HIS A 9 8.22 25.93 -18.19
N THR A 10 8.40 25.34 -17.01
CA THR A 10 7.41 25.58 -15.98
C THR A 10 7.27 27.06 -15.71
N LYS A 11 8.41 27.78 -15.72
CA LYS A 11 8.38 29.22 -15.54
C LYS A 11 7.64 29.90 -16.67
N GLN A 12 8.04 29.60 -17.90
CA GLN A 12 7.48 30.27 -19.06
C GLN A 12 5.98 30.03 -19.17
N ALA A 13 5.61 28.75 -19.23
CA ALA A 13 4.21 28.33 -19.17
C ALA A 13 3.48 29.08 -18.06
N PHE A 14 4.11 29.23 -16.89
CA PHE A 14 3.39 29.86 -15.79
C PHE A 14 3.14 31.34 -16.10
N GLY A 15 4.10 32.01 -16.73
CA GLY A 15 3.84 33.37 -17.19
C GLY A 15 2.64 33.44 -18.12
N ILE A 16 2.67 32.65 -19.21
CA ILE A 16 1.56 32.62 -20.16
C ILE A 16 0.23 32.48 -19.44
N MET A 17 0.23 31.69 -18.37
CA MET A 17 -1.03 31.46 -17.67
C MET A 17 -1.45 32.66 -16.86
N ASN A 18 -0.50 33.29 -16.17
CA ASN A 18 -0.85 34.54 -15.53
C ASN A 18 -1.50 35.48 -16.53
N GLU A 19 -0.78 35.79 -17.63
CA GLU A 19 -1.33 36.64 -18.69
C GLU A 19 -2.74 36.22 -19.10
N LEU A 20 -3.00 34.90 -19.18
CA LEU A 20 -4.35 34.42 -19.47
C LEU A 20 -5.34 34.82 -18.38
N ARG A 21 -4.94 34.73 -17.11
CA ARG A 21 -5.78 35.27 -16.05
C ARG A 21 -5.99 36.76 -16.20
N LEU A 22 -4.91 37.54 -16.14
CA LEU A 22 -5.02 38.99 -16.05
C LEU A 22 -5.85 39.55 -17.18
N SER A 23 -5.92 38.85 -18.34
CA SER A 23 -6.94 39.21 -19.32
C SER A 23 -8.32 38.85 -18.88
N GLN A 24 -8.54 38.52 -17.60
CA GLN A 24 -9.79 37.93 -17.14
C GLN A 24 -10.38 37.04 -18.22
N GLN A 25 -9.56 36.16 -18.83
CA GLN A 25 -10.04 35.21 -19.83
C GLN A 25 -9.63 33.78 -19.46
N LEU A 26 -10.36 32.81 -20.04
CA LEU A 26 -10.30 31.34 -19.81
C LEU A 26 -10.52 30.91 -18.35
N CYS A 27 -11.05 31.76 -17.47
CA CYS A 27 -11.15 31.37 -16.07
C CYS A 27 -12.36 30.45 -15.83
N ASP A 28 -12.19 29.46 -14.92
CA ASP A 28 -13.30 28.62 -14.48
C ASP A 28 -13.82 28.96 -13.10
N VAL A 29 -13.16 29.84 -12.34
CA VAL A 29 -13.66 30.22 -11.03
C VAL A 29 -13.70 31.75 -10.85
N THR A 30 -14.54 32.18 -9.90
CA THR A 30 -14.65 33.58 -9.48
C THR A 30 -14.94 33.64 -7.98
N LEU A 31 -14.06 34.35 -7.24
CA LEU A 31 -14.06 34.38 -5.78
C LEU A 31 -14.57 35.70 -5.23
N GLN A 32 -15.61 35.64 -4.41
CA GLN A 32 -16.11 36.86 -3.79
C GLN A 32 -15.54 36.94 -2.37
N VAL A 33 -14.26 37.31 -2.27
CA VAL A 33 -13.67 37.48 -0.94
C VAL A 33 -14.38 38.63 -0.22
N LYS A 34 -14.89 38.35 0.98
CA LYS A 34 -15.74 39.27 1.74
C LYS A 34 -15.38 39.16 3.23
N TYR A 35 -14.88 40.25 3.82
CA TYR A 35 -14.58 40.26 5.25
C TYR A 35 -15.10 41.54 5.87
N GLN A 36 -15.29 41.49 7.20
CA GLN A 36 -16.05 42.48 7.97
C GLN A 36 -15.89 43.93 7.48
N ASP A 37 -14.69 44.49 7.65
CA ASP A 37 -14.52 45.91 7.34
C ASP A 37 -14.62 46.18 5.84
N ALA A 38 -13.95 45.37 5.01
CA ALA A 38 -13.68 45.70 3.60
C ALA A 38 -14.84 45.32 2.67
N PRO A 39 -14.98 46.04 1.55
CA PRO A 39 -16.06 45.72 0.60
C PRO A 39 -15.72 44.55 -0.33
N ALA A 40 -16.77 43.80 -0.68
CA ALA A 40 -16.60 42.50 -1.34
C ALA A 40 -15.86 42.62 -2.67
N ALA A 41 -15.00 41.63 -2.94
CA ALA A 41 -14.12 41.64 -4.09
C ALA A 41 -14.41 40.41 -4.95
N GLN A 42 -14.29 40.56 -6.26
CA GLN A 42 -14.46 39.46 -7.20
C GLN A 42 -13.14 39.23 -7.93
N PHE A 43 -12.60 38.02 -7.81
CA PHE A 43 -11.37 37.64 -8.50
C PHE A 43 -11.64 36.49 -9.45
N MET A 44 -11.60 36.78 -10.75
CA MET A 44 -11.62 35.75 -11.77
C MET A 44 -10.27 35.02 -11.79
N ALA A 45 -10.29 33.70 -11.89
CA ALA A 45 -9.05 32.89 -11.86
C ALA A 45 -9.34 31.46 -12.36
N HIS A 46 -8.27 30.66 -12.48
CA HIS A 46 -8.36 29.29 -12.98
C HIS A 46 -8.39 28.33 -11.80
N LYS A 47 -9.41 27.45 -11.74
CA LYS A 47 -9.50 26.47 -10.65
C LYS A 47 -8.20 25.69 -10.56
N VAL A 48 -7.72 25.25 -11.73
CA VAL A 48 -6.66 24.26 -11.80
C VAL A 48 -5.34 24.82 -11.25
N VAL A 49 -5.10 26.12 -11.47
CA VAL A 49 -3.86 26.69 -10.96
C VAL A 49 -3.95 26.94 -9.46
N LEU A 50 -5.14 27.29 -8.98
CA LEU A 50 -5.33 27.46 -7.55
C LEU A 50 -5.05 26.17 -6.81
N ALA A 51 -5.55 25.06 -7.34
CA ALA A 51 -5.25 23.75 -6.76
C ALA A 51 -3.76 23.42 -6.82
N SER A 52 -3.12 23.66 -7.97
CA SER A 52 -1.66 23.53 -8.06
C SER A 52 -0.99 24.22 -6.89
N SER A 53 -1.45 25.44 -6.56
CA SER A 53 -0.81 26.25 -5.53
C SER A 53 -1.10 25.75 -4.10
N SER A 54 -2.40 25.72 -3.68
CA SER A 54 -2.76 25.37 -2.30
C SER A 54 -3.51 24.04 -2.22
N PRO A 55 -3.18 23.22 -1.20
CA PRO A 55 -4.00 22.04 -0.89
C PRO A 55 -5.42 22.36 -0.40
N VAL A 56 -5.62 23.46 0.33
CA VAL A 56 -6.97 23.82 0.78
C VAL A 56 -7.86 24.11 -0.43
N PHE A 57 -7.23 24.52 -1.53
CA PHE A 57 -7.96 24.75 -2.77
C PHE A 57 -8.16 23.48 -3.57
N LYS A 58 -7.08 22.70 -3.75
CA LYS A 58 -7.17 21.35 -4.30
C LYS A 58 -8.40 20.62 -3.71
N ALA A 59 -8.52 20.64 -2.39
CA ALA A 59 -9.68 20.01 -1.78
C ALA A 59 -10.96 20.83 -1.91
N MET A 60 -10.85 22.16 -2.01
CA MET A 60 -12.09 22.93 -2.05
C MET A 60 -12.97 22.52 -3.21
N PHE A 61 -12.47 22.73 -4.44
CA PHE A 61 -13.08 22.36 -5.72
C PHE A 61 -13.13 20.86 -5.97
N THR A 62 -12.44 20.06 -5.12
CA THR A 62 -12.21 18.63 -5.28
C THR A 62 -13.49 17.82 -5.26
N ASN A 63 -13.32 16.50 -5.41
CA ASN A 63 -14.36 15.53 -5.11
C ASN A 63 -15.20 15.92 -3.89
N GLY A 64 -14.69 16.78 -2.99
CA GLY A 64 -15.48 17.30 -1.89
C GLY A 64 -16.90 17.81 -2.15
N LEU A 65 -17.17 18.99 -1.61
CA LEU A 65 -18.53 19.37 -1.26
C LEU A 65 -19.14 20.20 -2.38
N ARG A 66 -19.99 21.16 -2.03
CA ARG A 66 -20.82 21.91 -3.00
C ARG A 66 -20.03 22.84 -3.82
N GLU A 67 -18.73 23.02 -3.59
CA GLU A 67 -17.86 23.77 -4.48
C GLU A 67 -17.41 22.90 -5.65
N GLN A 68 -18.30 22.00 -6.09
CA GLN A 68 -17.95 21.09 -7.17
C GLN A 68 -17.94 21.80 -8.52
N GLY A 69 -18.92 22.66 -8.81
CA GLY A 69 -18.92 23.31 -10.11
C GLY A 69 -19.44 24.73 -10.09
N MET A 70 -19.16 25.46 -9.02
CA MET A 70 -19.96 26.64 -8.69
C MET A 70 -19.82 27.80 -9.67
N GLU A 71 -18.62 28.02 -10.23
CA GLU A 71 -18.30 29.20 -11.05
C GLU A 71 -18.20 30.47 -10.20
N VAL A 72 -18.83 30.50 -9.03
CA VAL A 72 -18.80 31.66 -8.12
C VAL A 72 -19.11 31.26 -6.67
N VAL A 73 -18.13 31.39 -5.75
CA VAL A 73 -18.31 31.04 -4.34
C VAL A 73 -17.43 31.93 -3.47
N SER A 74 -17.92 32.23 -2.26
CA SER A 74 -17.32 33.21 -1.36
C SER A 74 -16.10 32.62 -0.62
N ILE A 75 -15.33 33.52 0.00
CA ILE A 75 -14.28 33.21 0.96
C ILE A 75 -14.33 34.30 2.03
N GLU A 76 -14.35 33.89 3.30
CA GLU A 76 -14.45 34.89 4.36
C GLU A 76 -13.27 34.80 5.33
N GLY A 77 -12.05 34.73 4.79
CA GLY A 77 -10.86 34.62 5.64
C GLY A 77 -10.27 35.94 6.09
N ILE A 78 -9.54 36.63 5.21
CA ILE A 78 -8.85 37.87 5.58
C ILE A 78 -9.21 38.95 4.57
N HIS A 79 -8.61 40.13 4.68
CA HIS A 79 -8.81 41.19 3.69
C HIS A 79 -8.40 40.67 2.32
N PRO A 80 -9.16 40.97 1.26
CA PRO A 80 -8.81 40.46 -0.08
C PRO A 80 -7.51 41.04 -0.62
N LYS A 81 -6.95 42.05 0.07
CA LYS A 81 -5.55 42.40 -0.10
C LYS A 81 -4.67 41.14 -0.11
N VAL A 82 -4.79 40.31 0.95
CA VAL A 82 -3.89 39.17 1.01
C VAL A 82 -4.30 38.10 0.04
N MET A 83 -5.58 37.94 -0.27
CA MET A 83 -5.90 36.93 -1.28
C MET A 83 -5.36 37.36 -2.63
N GLU A 84 -5.22 38.66 -2.85
CA GLU A 84 -4.58 39.12 -4.07
C GLU A 84 -3.09 38.81 -4.03
N ARG A 85 -2.37 39.28 -3.00
CA ARG A 85 -0.95 38.99 -2.91
C ARG A 85 -0.70 37.50 -3.05
N LEU A 86 -1.56 36.69 -2.43
CA LEU A 86 -1.45 35.23 -2.49
C LEU A 86 -1.63 34.72 -3.91
N ILE A 87 -2.74 35.07 -4.56
CA ILE A 87 -2.95 34.63 -5.94
C ILE A 87 -1.77 35.05 -6.82
N GLU A 88 -1.28 36.27 -6.64
CA GLU A 88 -0.02 36.70 -7.27
C GLU A 88 1.08 35.65 -7.10
N PHE A 89 1.24 35.13 -5.89
CA PHE A 89 2.19 34.03 -5.73
C PHE A 89 1.75 32.79 -6.52
N ALA A 90 0.49 32.38 -6.37
CA ALA A 90 -0.01 31.16 -7.00
C ALA A 90 0.12 31.16 -8.50
N TYR A 91 0.31 32.33 -9.13
CA TYR A 91 0.47 32.45 -10.57
C TYR A 91 1.87 32.92 -10.99
N THR A 92 2.73 33.37 -10.04
CA THR A 92 4.04 33.92 -10.41
C THR A 92 5.22 33.40 -9.60
N ALA A 93 5.00 32.58 -8.58
CA ALA A 93 6.06 32.07 -7.70
C ALA A 93 6.70 33.16 -6.88
N SER A 94 6.10 34.35 -6.82
CA SER A 94 6.68 35.51 -6.16
C SER A 94 5.58 36.32 -5.49
N ILE A 95 5.94 36.96 -4.39
CA ILE A 95 4.98 37.68 -3.57
C ILE A 95 5.64 38.93 -3.00
N SER A 96 5.10 40.10 -3.33
CA SER A 96 5.56 41.37 -2.77
C SER A 96 4.77 41.64 -1.48
N MET A 97 5.46 41.60 -0.34
CA MET A 97 4.88 41.82 0.98
C MET A 97 5.32 43.17 1.54
N GLY A 98 4.70 43.58 2.64
CA GLY A 98 4.98 44.88 3.22
C GLY A 98 5.40 44.78 4.67
N GLU A 99 6.20 45.75 5.10
CA GLU A 99 6.65 45.82 6.50
C GLU A 99 5.48 45.84 7.48
N LYS A 100 4.24 46.02 7.01
CA LYS A 100 3.08 46.12 7.88
C LYS A 100 2.15 44.91 7.76
N CYS A 101 1.64 44.63 6.55
CA CYS A 101 0.59 43.65 6.38
C CYS A 101 1.07 42.20 6.50
N VAL A 102 2.39 41.96 6.61
CA VAL A 102 2.96 40.62 6.56
C VAL A 102 2.34 39.68 7.60
N LEU A 103 1.84 40.23 8.70
CA LEU A 103 1.00 39.45 9.61
C LEU A 103 -0.21 38.87 8.87
N HIS A 104 -1.01 39.75 8.27
CA HIS A 104 -2.23 39.33 7.58
C HIS A 104 -1.90 38.41 6.39
N VAL A 105 -0.80 38.70 5.67
CA VAL A 105 -0.34 37.88 4.56
C VAL A 105 0.01 36.48 5.04
N MET A 106 0.81 36.40 6.10
CA MET A 106 1.22 35.11 6.60
C MET A 106 0.04 34.33 7.13
N ASN A 107 -0.78 34.95 7.97
CA ASN A 107 -1.97 34.26 8.44
C ASN A 107 -2.80 33.77 7.29
N GLY A 108 -2.78 34.50 6.19
CA GLY A 108 -3.35 33.99 4.97
C GLY A 108 -2.74 32.69 4.55
N ALA A 109 -1.42 32.69 4.25
CA ALA A 109 -0.76 31.45 3.83
C ALA A 109 -1.11 30.31 4.77
N VAL A 110 -1.07 30.59 6.08
CA VAL A 110 -1.43 29.61 7.11
C VAL A 110 -2.82 29.04 6.86
N MET A 111 -3.86 29.89 6.71
CA MET A 111 -5.23 29.35 6.70
C MET A 111 -5.52 28.43 5.50
N TYR A 112 -5.16 28.84 4.27
CA TYR A 112 -5.36 27.93 3.12
C TYR A 112 -4.16 27.05 2.89
N GLN A 113 -3.18 27.10 3.79
CA GLN A 113 -2.02 26.21 3.72
C GLN A 113 -1.25 26.46 2.43
N ILE A 114 -0.27 27.36 2.50
CA ILE A 114 0.77 27.46 1.48
C ILE A 114 2.10 27.42 2.23
N ASP A 115 2.55 26.21 2.63
CA ASP A 115 3.65 26.09 3.58
C ASP A 115 4.95 26.67 3.03
N SER A 116 5.08 26.75 1.70
CA SER A 116 6.20 27.44 1.09
C SER A 116 6.18 28.92 1.41
N VAL A 117 5.09 29.57 1.00
CA VAL A 117 4.86 30.99 1.27
C VAL A 117 4.64 31.30 2.74
N VAL A 118 4.47 30.29 3.57
CA VAL A 118 4.48 30.51 5.00
C VAL A 118 5.91 30.50 5.54
N ARG A 119 6.72 29.51 5.14
CA ARG A 119 8.11 29.44 5.59
C ARG A 119 8.92 30.62 5.05
N ALA A 120 8.50 31.21 3.94
CA ALA A 120 9.11 32.44 3.47
C ALA A 120 8.82 33.65 4.37
N CYS A 121 7.75 33.60 5.17
CA CYS A 121 7.53 34.61 6.20
C CYS A 121 8.25 34.24 7.50
N SER A 122 8.21 32.95 7.87
CA SER A 122 9.05 32.36 8.90
C SER A 122 10.45 32.94 8.85
N ASP A 123 10.98 33.06 7.63
CA ASP A 123 12.29 33.67 7.42
C ASP A 123 12.22 35.14 7.01
N PHE A 124 11.06 35.61 6.55
CA PHE A 124 10.86 37.04 6.33
C PHE A 124 11.19 37.81 7.60
N LEU A 125 10.54 37.44 8.71
CA LEU A 125 10.50 38.28 9.90
C LEU A 125 11.80 38.26 10.70
N VAL A 126 12.65 37.27 10.50
CA VAL A 126 13.86 37.13 11.31
C VAL A 126 14.75 38.37 11.14
N GLN A 127 14.50 39.12 10.07
CA GLN A 127 15.38 40.19 9.63
C GLN A 127 15.35 41.40 10.56
N GLN A 128 14.19 42.05 10.70
CA GLN A 128 14.10 43.34 11.41
C GLN A 128 13.71 43.18 12.88
N LEU A 129 14.26 42.16 13.57
CA LEU A 129 13.89 41.84 14.96
C LEU A 129 13.83 43.09 15.84
N ASP A 130 12.87 43.08 16.77
CA ASP A 130 12.78 44.10 17.80
C ASP A 130 12.68 43.38 19.14
N PRO A 131 13.61 43.62 20.08
CA PRO A 131 13.33 43.26 21.49
C PRO A 131 12.19 44.07 22.09
N SER A 132 11.87 45.24 21.50
CA SER A 132 10.62 45.93 21.79
C SER A 132 9.41 45.11 21.31
N ASN A 133 9.35 44.83 20.00
CA ASN A 133 8.20 44.16 19.40
C ASN A 133 8.26 42.64 19.44
N ALA A 134 9.24 42.04 20.13
CA ALA A 134 9.36 40.58 20.15
C ALA A 134 8.13 39.94 20.78
N ILE A 135 7.51 40.63 21.75
CA ILE A 135 6.40 40.08 22.51
C ILE A 135 5.28 39.61 21.58
N GLY A 136 4.69 40.56 20.83
CA GLY A 136 3.63 40.22 19.91
C GLY A 136 4.04 39.17 18.89
N ILE A 137 5.32 39.17 18.51
CA ILE A 137 5.83 38.16 17.60
C ILE A 137 5.55 36.76 18.15
N ALA A 138 6.07 36.49 19.36
CA ALA A 138 5.84 35.17 19.95
C ALA A 138 4.35 34.89 20.13
N ASN A 139 3.57 35.94 20.44
CA ASN A 139 2.11 35.77 20.52
C ASN A 139 1.54 35.22 19.22
N PHE A 140 2.00 35.74 18.07
CA PHE A 140 1.61 35.19 16.78
C PHE A 140 2.00 33.72 16.69
N ALA A 141 3.29 33.42 16.93
CA ALA A 141 3.79 32.06 16.70
C ALA A 141 3.00 31.00 17.48
N GLU A 142 2.65 31.29 18.74
CA GLU A 142 1.81 30.35 19.49
C GLU A 142 0.36 30.39 19.01
N GLN A 143 -0.20 31.59 18.78
CA GLN A 143 -1.58 31.68 18.28
C GLN A 143 -1.69 31.08 16.89
N ILE A 144 -0.84 31.54 15.95
CA ILE A 144 -0.75 31.08 14.55
C ILE A 144 -1.18 29.64 14.37
N GLY A 145 -0.58 28.75 15.14
CA GLY A 145 -0.80 27.33 14.95
C GLY A 145 0.52 26.57 14.93
N CYS A 146 1.43 26.95 14.04
CA CYS A 146 2.73 26.30 13.90
C CYS A 146 3.74 26.97 14.83
N VAL A 147 4.11 26.26 15.91
CA VAL A 147 5.12 26.69 16.88
C VAL A 147 6.47 26.58 16.20
N GLU A 148 6.57 27.19 15.02
CA GLU A 148 7.78 27.06 14.24
C GLU A 148 8.79 28.17 14.54
N LEU A 149 8.33 29.39 14.85
CA LEU A 149 9.19 30.41 15.43
C LEU A 149 9.13 30.46 16.94
N HIS A 150 8.05 29.92 17.52
CA HIS A 150 7.87 29.98 18.97
C HIS A 150 9.09 29.43 19.69
N GLN A 151 9.72 28.40 19.13
CA GLN A 151 10.99 27.91 19.65
C GLN A 151 12.12 28.89 19.31
N ARG A 152 12.28 29.20 18.03
CA ARG A 152 13.35 30.07 17.56
C ARG A 152 13.24 31.44 18.20
N ALA A 153 12.13 31.69 18.88
CA ALA A 153 11.91 32.91 19.66
C ALA A 153 12.95 33.06 20.77
N ARG A 154 13.90 33.96 20.57
CA ARG A 154 15.00 34.12 21.49
C ARG A 154 14.57 34.91 22.72
N ASP B 1 -15.59 32.43 22.76
CA ASP B 1 -16.45 31.94 23.82
C ASP B 1 -16.83 30.48 23.49
N GLU B 2 -16.78 29.62 24.51
CA GLU B 2 -17.05 28.17 24.45
C GLU B 2 -18.41 27.75 23.87
N LYS B 3 -19.49 28.53 24.12
CA LYS B 3 -20.80 28.10 23.58
C LYS B 3 -20.87 28.16 22.05
N TYR B 4 -20.12 29.07 21.42
CA TYR B 4 -20.12 29.14 19.97
C TYR B 4 -19.26 27.98 19.46
N VAL B 5 -18.28 27.54 20.26
CA VAL B 5 -17.46 26.37 19.93
C VAL B 5 -18.39 25.17 19.88
N ASN B 6 -19.35 25.11 20.80
CA ASN B 6 -20.33 24.03 20.76
C ASN B 6 -21.14 24.14 19.47
N SER B 7 -21.47 25.38 19.04
CA SER B 7 -22.22 25.58 17.79
C SER B 7 -21.39 25.16 16.56
N ILE B 8 -20.08 25.40 16.60
CA ILE B 8 -19.19 24.98 15.53
C ILE B 8 -19.22 23.48 15.47
N TRP B 9 -19.08 22.84 16.63
CA TRP B 9 -19.12 21.39 16.67
C TRP B 9 -20.45 20.85 16.18
N ASP B 10 -21.58 21.47 16.58
CA ASP B 10 -22.87 21.00 16.07
C ASP B 10 -22.93 21.07 14.54
N LEU B 11 -22.32 22.12 13.96
CA LEU B 11 -22.30 22.23 12.51
C LEU B 11 -21.43 21.14 11.92
N LEU B 12 -20.32 20.86 12.57
CA LEU B 12 -19.44 19.82 12.05
C LEU B 12 -20.03 18.43 12.25
N LYS B 13 -20.60 18.14 13.43
CA LYS B 13 -21.22 16.84 13.67
C LYS B 13 -22.33 16.55 12.69
N ASN B 14 -23.19 17.55 12.45
CA ASN B 14 -24.27 17.38 11.49
C ASN B 14 -23.72 17.14 10.10
N ALA B 15 -22.70 17.92 9.73
CA ALA B 15 -22.06 17.78 8.42
C ALA B 15 -21.44 16.39 8.24
N ILE B 16 -20.67 15.94 9.23
CA ILE B 16 -20.05 14.62 9.15
C ILE B 16 -21.11 13.56 8.96
N GLN B 17 -22.14 13.60 9.77
CA GLN B 17 -23.20 12.61 9.63
C GLN B 17 -23.85 12.71 8.24
N GLU B 18 -23.97 13.92 7.67
CA GLU B 18 -24.53 14.00 6.32
C GLU B 18 -23.57 13.40 5.31
N ILE B 19 -22.25 13.49 5.56
CA ILE B 19 -21.26 12.88 4.69
C ILE B 19 -21.32 11.36 4.82
N GLN B 20 -21.48 10.86 6.05
CA GLN B 20 -21.58 9.43 6.29
C GLN B 20 -22.84 8.92 5.64
N ARG B 21 -23.82 9.80 5.50
CA ARG B 21 -25.06 9.48 4.83
C ARG B 21 -24.91 9.70 3.35
N LYS B 22 -23.69 10.03 2.92
CA LYS B 22 -23.36 10.28 1.52
C LYS B 22 -24.12 11.48 0.99
N ASN B 23 -24.49 12.41 1.87
CA ASN B 23 -25.20 13.60 1.41
C ASN B 23 -24.27 14.81 1.44
N ASN B 24 -23.05 14.60 0.94
CA ASN B 24 -22.04 15.65 0.88
C ASN B 24 -22.34 16.71 -0.16
N SER B 25 -23.17 16.37 -1.14
CA SER B 25 -23.61 17.27 -2.19
C SER B 25 -24.57 18.30 -1.61
N GLY B 26 -24.07 19.50 -1.31
CA GLY B 26 -24.94 20.51 -0.70
C GLY B 26 -24.40 21.07 0.60
N LEU B 27 -23.19 20.60 0.92
CA LEU B 27 -22.40 21.03 2.08
C LEU B 27 -21.38 22.06 1.59
N SER B 28 -21.30 23.21 2.25
CA SER B 28 -20.34 24.21 1.82
C SER B 28 -18.99 23.84 2.40
N PHE B 29 -18.07 23.50 1.50
CA PHE B 29 -16.74 23.09 1.94
C PHE B 29 -16.10 24.19 2.76
N GLU B 30 -16.12 25.41 2.22
CA GLU B 30 -15.47 26.51 2.90
C GLU B 30 -15.94 26.68 4.34
N GLU B 31 -17.26 26.68 4.58
CA GLU B 31 -17.68 26.94 5.95
C GLU B 31 -17.28 25.84 6.90
N LEU B 32 -17.29 24.59 6.45
CA LEU B 32 -16.88 23.53 7.35
C LEU B 32 -15.39 23.55 7.57
N TYR B 33 -14.62 23.85 6.52
CA TYR B 33 -13.18 23.94 6.71
C TYR B 33 -12.79 25.14 7.57
N ARG B 34 -13.33 26.31 7.26
CA ARG B 34 -13.02 27.50 8.03
C ARG B 34 -13.40 27.36 9.51
N ASN B 35 -14.58 26.82 9.80
CA ASN B 35 -14.98 26.63 11.20
C ASN B 35 -14.06 25.65 11.90
N ALA B 36 -13.72 24.55 11.23
CA ALA B 36 -12.78 23.60 11.84
C ALA B 36 -11.43 24.27 12.06
N TYR B 37 -11.06 25.12 11.13
CA TYR B 37 -9.83 25.88 11.24
C TYR B 37 -9.86 26.77 12.48
N THR B 38 -10.95 27.50 12.66
CA THR B 38 -11.10 28.38 13.81
C THR B 38 -11.08 27.60 15.13
N MET B 39 -11.71 26.41 15.18
CA MET B 39 -11.69 25.61 16.41
C MET B 39 -10.27 25.23 16.79
N VAL B 40 -9.51 24.71 15.82
CA VAL B 40 -8.13 24.32 16.07
C VAL B 40 -7.27 25.55 16.39
N LEU B 41 -7.49 26.65 15.65
CA LEU B 41 -6.74 27.89 15.85
C LEU B 41 -6.81 28.38 17.28
N HIS B 42 -7.96 28.21 17.93
CA HIS B 42 -8.06 28.65 19.32
C HIS B 42 -7.75 27.50 20.27
N LYS B 43 -6.97 26.51 19.78
CA LYS B 43 -6.48 25.41 20.62
C LYS B 43 -7.58 24.53 21.21
N HIS B 44 -8.54 24.16 20.35
CA HIS B 44 -9.61 23.25 20.73
C HIS B 44 -9.53 22.02 19.86
N GLY B 45 -8.31 21.74 19.38
CA GLY B 45 -8.07 20.57 18.56
C GLY B 45 -8.35 19.30 19.33
N GLU B 46 -8.10 19.32 20.65
CA GLU B 46 -8.38 18.15 21.47
C GLU B 46 -9.87 17.85 21.53
N LYS B 47 -10.69 18.89 21.68
CA LYS B 47 -12.13 18.74 21.71
C LYS B 47 -12.66 18.27 20.36
N LEU B 48 -12.09 18.81 19.28
CA LEU B 48 -12.47 18.46 17.92
C LEU B 48 -12.07 17.02 17.59
N TYR B 49 -10.90 16.59 18.04
CA TYR B 49 -10.40 15.23 17.78
C TYR B 49 -11.28 14.21 18.50
N THR B 50 -11.57 14.47 19.77
CA THR B 50 -12.43 13.54 20.50
C THR B 50 -13.78 13.43 19.81
N GLY B 51 -14.35 14.57 19.41
CA GLY B 51 -15.63 14.51 18.73
C GLY B 51 -15.57 13.67 17.47
N LEU B 52 -14.55 13.90 16.64
CA LEU B 52 -14.40 13.12 15.41
C LEU B 52 -14.38 11.62 15.69
N ARG B 53 -13.56 11.18 16.66
CA ARG B 53 -13.51 9.74 16.99
C ARG B 53 -14.86 9.24 17.46
N GLU B 54 -15.58 10.06 18.22
CA GLU B 54 -16.87 9.63 18.72
C GLU B 54 -17.85 9.44 17.57
N VAL B 55 -18.00 10.46 16.71
CA VAL B 55 -18.96 10.37 15.60
C VAL B 55 -18.62 9.24 14.63
N VAL B 56 -17.34 9.09 14.30
CA VAL B 56 -16.96 8.02 13.38
C VAL B 56 -17.21 6.65 14.01
N THR B 57 -16.82 6.47 15.27
CA THR B 57 -17.05 5.20 15.96
C THR B 57 -18.53 4.91 16.07
N GLU B 58 -19.29 5.93 16.47
CA GLU B 58 -20.74 5.79 16.62
C GLU B 58 -21.35 5.34 15.32
N HIS B 59 -20.91 5.94 14.21
CA HIS B 59 -21.44 5.60 12.91
C HIS B 59 -21.09 4.15 12.52
N LEU B 60 -19.81 3.75 12.65
CA LEU B 60 -19.41 2.41 12.22
C LEU B 60 -19.96 1.27 13.10
N ILE B 61 -20.26 1.54 14.37
CA ILE B 61 -20.80 0.49 15.24
C ILE B 61 -22.31 0.36 15.10
N ASN B 62 -23.05 1.48 15.17
CA ASN B 62 -24.52 1.37 15.15
C ASN B 62 -25.08 1.04 13.76
N LYS B 63 -24.39 1.39 12.69
CA LYS B 63 -24.90 1.15 11.34
C LYS B 63 -24.08 0.14 10.54
N VAL B 64 -22.79 0.42 10.36
CA VAL B 64 -21.95 -0.41 9.50
C VAL B 64 -21.79 -1.81 10.07
N ARG B 65 -21.51 -1.94 11.37
CA ARG B 65 -21.34 -3.27 11.90
C ARG B 65 -22.59 -4.13 11.72
N GLU B 66 -23.76 -3.56 11.98
CA GLU B 66 -25.00 -4.33 11.82
C GLU B 66 -25.24 -4.73 10.36
N ASP B 67 -25.02 -3.79 9.43
CA ASP B 67 -25.20 -4.10 8.00
C ASP B 67 -24.30 -5.24 7.56
N VAL B 68 -23.07 -5.27 8.04
CA VAL B 68 -22.15 -6.33 7.67
C VAL B 68 -22.56 -7.66 8.30
N LEU B 69 -22.98 -7.61 9.56
CA LEU B 69 -23.41 -8.80 10.29
C LEU B 69 -24.64 -9.42 9.64
N ASN B 70 -25.49 -8.61 9.03
CA ASN B 70 -26.70 -9.11 8.38
C ASN B 70 -26.46 -9.77 7.04
N SER B 71 -25.26 -9.66 6.47
CA SER B 71 -24.96 -10.25 5.18
C SER B 71 -24.09 -11.50 5.30
N LEU B 72 -23.86 -11.97 6.53
CA LEU B 72 -23.02 -13.13 6.81
C LEU B 72 -23.34 -14.35 5.97
N ASN B 73 -24.62 -14.67 5.81
CA ASN B 73 -24.99 -15.86 5.05
C ASN B 73 -25.59 -15.54 3.68
N ASN B 74 -25.63 -14.26 3.29
CA ASN B 74 -26.13 -13.88 1.96
C ASN B 74 -25.27 -12.79 1.33
N ASN B 75 -24.29 -13.17 0.50
CA ASN B 75 -23.41 -12.20 -0.17
C ASN B 75 -22.71 -11.28 0.83
N PHE B 76 -21.86 -11.93 1.59
CA PHE B 76 -21.09 -11.29 2.64
C PHE B 76 -20.03 -10.35 2.09
N LEU B 77 -19.19 -10.86 1.20
CA LEU B 77 -18.08 -10.05 0.69
C LEU B 77 -18.52 -8.82 -0.08
N GLN B 78 -19.63 -8.92 -0.81
CA GLN B 78 -20.10 -7.75 -1.54
C GLN B 78 -20.48 -6.61 -0.61
N THR B 79 -21.17 -6.92 0.49
CA THR B 79 -21.57 -5.88 1.43
C THR B 79 -20.40 -5.37 2.23
N LEU B 80 -19.49 -6.25 2.64
CA LEU B 80 -18.36 -5.78 3.41
C LEU B 80 -17.50 -4.86 2.57
N ASN B 81 -17.28 -5.25 1.32
CA ASN B 81 -16.48 -4.44 0.43
C ASN B 81 -17.19 -3.12 0.17
N GLN B 82 -18.52 -3.16 0.09
CA GLN B 82 -19.33 -1.95 -0.08
C GLN B 82 -19.17 -1.01 1.11
N ALA B 83 -19.20 -1.55 2.32
CA ALA B 83 -18.97 -0.75 3.52
C ALA B 83 -17.57 -0.15 3.56
N TRP B 84 -16.58 -0.86 3.04
CA TRP B 84 -15.22 -0.35 3.00
C TRP B 84 -15.07 0.79 2.01
N ASN B 85 -15.69 0.67 0.84
CA ASN B 85 -15.57 1.77 -0.10
C ASN B 85 -16.34 2.99 0.41
N ASP B 86 -17.50 2.78 1.05
CA ASP B 86 -18.25 3.90 1.62
C ASP B 86 -17.49 4.57 2.75
N HIS B 87 -16.75 3.77 3.52
CA HIS B 87 -15.96 4.34 4.59
C HIS B 87 -14.83 5.19 4.05
N GLN B 88 -14.09 4.66 3.08
CA GLN B 88 -13.01 5.43 2.48
C GLN B 88 -13.51 6.73 1.85
N THR B 89 -14.63 6.66 1.11
CA THR B 89 -15.21 7.84 0.46
C THR B 89 -15.58 8.91 1.48
N ALA B 90 -16.28 8.54 2.55
CA ALA B 90 -16.67 9.52 3.57
C ALA B 90 -15.46 10.12 4.27
N MET B 91 -14.51 9.27 4.65
CA MET B 91 -13.33 9.73 5.38
C MET B 91 -12.46 10.70 4.57
N VAL B 92 -12.47 10.61 3.24
CA VAL B 92 -11.67 11.58 2.46
C VAL B 92 -12.20 13.00 2.64
N MET B 93 -13.50 13.15 2.51
CA MET B 93 -14.12 14.46 2.68
C MET B 93 -13.95 14.92 4.12
N ILE B 94 -14.07 13.98 5.07
CA ILE B 94 -13.91 14.28 6.49
C ILE B 94 -12.46 14.70 6.80
N ARG B 95 -11.49 14.03 6.19
CA ARG B 95 -10.10 14.41 6.40
C ARG B 95 -9.81 15.76 5.78
N ASP B 96 -10.55 16.12 4.73
CA ASP B 96 -10.34 17.43 4.09
C ASP B 96 -10.84 18.57 4.96
N ILE B 97 -12.01 18.38 5.56
CA ILE B 97 -12.57 19.43 6.41
C ILE B 97 -11.67 19.72 7.61
N LEU B 98 -11.06 18.70 8.21
CA LEU B 98 -10.17 18.88 9.36
C LEU B 98 -8.70 18.94 8.99
N MET B 99 -8.39 19.47 7.80
CA MET B 99 -7.01 19.55 7.33
C MET B 99 -6.12 20.38 8.27
N TYR B 100 -6.66 21.46 8.83
CA TYR B 100 -5.85 22.28 9.72
C TYR B 100 -5.49 21.54 11.00
N MET B 101 -6.40 20.75 11.53
CA MET B 101 -6.04 19.98 12.72
C MET B 101 -4.99 18.94 12.37
N ASP B 102 -5.11 18.40 11.17
CA ASP B 102 -4.24 17.36 10.63
C ASP B 102 -2.81 17.85 10.44
N ARG B 103 -2.56 19.16 10.38
CA ARG B 103 -1.22 19.63 10.11
C ARG B 103 -0.54 20.24 11.33
N VAL B 104 -1.30 20.63 12.35
CA VAL B 104 -0.76 21.25 13.55
C VAL B 104 -0.92 20.38 14.79
N TYR B 105 -2.16 19.97 15.09
CA TYR B 105 -2.46 19.28 16.34
C TYR B 105 -1.95 17.84 16.34
N VAL B 106 -2.29 17.04 15.33
CA VAL B 106 -1.90 15.62 15.37
C VAL B 106 -0.38 15.53 15.34
N GLN B 107 0.28 16.55 14.78
CA GLN B 107 1.73 16.57 14.76
C GLN B 107 2.26 16.80 16.16
N GLN B 108 1.65 17.74 16.89
CA GLN B 108 2.11 18.03 18.24
C GLN B 108 1.85 16.86 19.22
N ASN B 109 0.69 16.18 19.15
CA ASN B 109 0.30 15.20 20.16
C ASN B 109 0.53 13.71 19.83
N ASN B 110 1.40 13.40 18.87
CA ASN B 110 1.74 12.01 18.49
C ASN B 110 0.51 11.11 18.44
N VAL B 111 -0.50 11.55 17.70
CA VAL B 111 -1.69 10.73 17.53
C VAL B 111 -1.87 10.50 16.04
N GLU B 112 -2.60 9.43 15.75
CA GLU B 112 -2.88 9.06 14.38
C GLU B 112 -3.74 10.13 13.72
N ASN B 113 -3.48 10.42 12.44
CA ASN B 113 -4.24 11.41 11.67
C ASN B 113 -5.66 10.93 11.36
N VAL B 114 -6.51 11.87 10.95
CA VAL B 114 -7.93 11.60 10.66
C VAL B 114 -8.10 10.36 9.79
N TYR B 115 -7.35 10.24 8.70
CA TYR B 115 -7.56 9.06 7.86
C TYR B 115 -7.16 7.77 8.56
N ASN B 116 -5.99 7.75 9.24
CA ASN B 116 -5.58 6.53 9.95
C ASN B 116 -6.53 6.20 11.09
N LEU B 117 -7.04 7.23 11.77
CA LEU B 117 -8.00 6.99 12.83
C LEU B 117 -9.23 6.32 12.23
N GLY B 118 -9.67 6.81 11.07
CA GLY B 118 -10.79 6.16 10.39
C GLY B 118 -10.49 4.71 10.07
N LEU B 119 -9.25 4.40 9.66
CA LEU B 119 -8.91 3.00 9.39
C LEU B 119 -8.94 2.16 10.67
N ILE B 120 -8.35 2.66 11.76
CA ILE B 120 -8.35 1.96 13.04
C ILE B 120 -9.75 1.71 13.56
N ILE B 121 -10.61 2.70 13.52
CA ILE B 121 -11.95 2.46 14.03
C ILE B 121 -12.63 1.42 13.16
N PHE B 122 -12.43 1.51 11.85
CA PHE B 122 -13.03 0.52 10.96
C PHE B 122 -12.44 -0.88 11.17
N ARG B 123 -11.12 -0.97 11.32
CA ARG B 123 -10.44 -2.25 11.52
C ARG B 123 -10.91 -2.92 12.80
N ASP B 124 -10.88 -2.17 13.89
CA ASP B 124 -11.20 -2.72 15.20
C ASP B 124 -12.70 -2.92 15.39
N GLN B 125 -13.54 -2.02 14.88
CA GLN B 125 -14.96 -2.16 15.13
C GLN B 125 -15.70 -2.99 14.08
N VAL B 126 -15.12 -3.18 12.91
CA VAL B 126 -15.75 -3.94 11.83
C VAL B 126 -14.96 -5.18 11.42
N VAL B 127 -13.87 -5.00 10.67
CA VAL B 127 -13.10 -6.10 10.09
C VAL B 127 -12.68 -7.14 11.14
N ARG B 128 -12.32 -6.70 12.35
CA ARG B 128 -11.86 -7.55 13.43
C ARG B 128 -12.83 -7.59 14.61
N TYR B 129 -14.14 -7.44 14.37
CA TYR B 129 -15.06 -7.47 15.49
C TYR B 129 -15.02 -8.84 16.14
N GLY B 130 -15.24 -9.90 15.36
CA GLY B 130 -15.18 -11.24 15.92
C GLY B 130 -15.94 -12.22 15.06
N CYS B 131 -17.28 -12.16 15.10
CA CYS B 131 -18.08 -13.00 14.21
C CYS B 131 -17.71 -12.64 12.78
N ILE B 132 -17.48 -11.35 12.52
CA ILE B 132 -17.07 -10.92 11.18
C ILE B 132 -15.67 -11.43 10.89
N ARG B 133 -14.75 -11.32 11.86
CA ARG B 133 -13.39 -11.80 11.67
C ARG B 133 -13.35 -13.25 11.25
N ASP B 134 -14.05 -14.08 12.00
CA ASP B 134 -14.09 -15.50 11.69
C ASP B 134 -14.78 -15.78 10.36
N HIS B 135 -15.87 -15.06 10.05
CA HIS B 135 -16.54 -15.38 8.79
C HIS B 135 -15.74 -14.96 7.57
N LEU B 136 -15.03 -13.84 7.63
CA LEU B 136 -14.19 -13.46 6.50
C LEU B 136 -13.03 -14.46 6.31
N ARG B 137 -12.45 -14.97 7.43
CA ARG B 137 -11.36 -15.95 7.33
C ARG B 137 -11.83 -17.27 6.72
N GLN B 138 -12.99 -17.74 7.17
CA GLN B 138 -13.51 -18.97 6.61
C GLN B 138 -13.82 -18.81 5.13
N THR B 139 -14.46 -17.69 4.76
CA THR B 139 -14.87 -17.47 3.37
C THR B 139 -13.68 -17.44 2.43
N LEU B 140 -12.72 -16.56 2.70
CA LEU B 140 -11.58 -16.49 1.79
C LEU B 140 -10.87 -17.86 1.68
N LEU B 141 -10.70 -18.55 2.83
CA LEU B 141 -10.00 -19.85 2.78
C LEU B 141 -10.83 -20.89 2.06
N ASP B 142 -12.15 -20.83 2.25
CA ASP B 142 -13.05 -21.75 1.58
C ASP B 142 -12.99 -21.57 0.08
N MET B 143 -12.85 -20.32 -0.37
CA MET B 143 -12.75 -20.04 -1.80
C MET B 143 -11.45 -20.58 -2.41
N ILE B 144 -10.33 -20.37 -1.73
CA ILE B 144 -9.07 -20.88 -2.27
C ILE B 144 -9.10 -22.40 -2.34
N ALA B 145 -9.69 -23.03 -1.33
CA ALA B 145 -9.78 -24.49 -1.31
C ALA B 145 -10.69 -25.01 -2.42
N ARG B 146 -11.77 -24.29 -2.76
CA ARG B 146 -12.64 -24.77 -3.84
C ARG B 146 -11.92 -24.64 -5.19
N GLU B 147 -11.29 -23.47 -5.40
CA GLU B 147 -10.56 -23.26 -6.64
C GLU B 147 -9.45 -24.30 -6.84
N ARG B 148 -8.74 -24.68 -5.76
CA ARG B 148 -7.67 -25.66 -5.90
C ARG B 148 -8.17 -27.03 -6.26
N LYS B 149 -9.42 -27.31 -5.92
CA LYS B 149 -10.07 -28.58 -6.19
C LYS B 149 -10.70 -28.58 -7.58
N GLY B 150 -10.61 -27.47 -8.30
CA GLY B 150 -11.09 -27.36 -9.67
C GLY B 150 -12.26 -26.44 -9.85
N GLU B 151 -12.85 -25.92 -8.77
CA GLU B 151 -13.98 -25.00 -8.85
C GLU B 151 -13.52 -23.60 -9.32
N VAL B 152 -14.46 -22.84 -9.88
CA VAL B 152 -14.25 -21.46 -10.33
C VAL B 152 -14.83 -20.50 -9.27
N VAL B 153 -13.99 -19.58 -8.75
CA VAL B 153 -14.32 -18.65 -7.68
C VAL B 153 -14.12 -17.20 -8.10
N ASP B 154 -14.77 -16.27 -7.36
CA ASP B 154 -14.63 -14.82 -7.61
C ASP B 154 -13.30 -14.29 -7.07
N ARG B 155 -12.31 -14.22 -7.96
CA ARG B 155 -10.99 -13.75 -7.56
C ARG B 155 -10.98 -12.28 -7.14
N GLY B 156 -11.83 -11.45 -7.77
CA GLY B 156 -11.90 -10.03 -7.43
C GLY B 156 -12.35 -9.73 -6.01
N ALA B 157 -13.31 -10.52 -5.49
CA ALA B 157 -13.75 -10.30 -4.13
C ALA B 157 -12.62 -10.58 -3.16
N ILE B 158 -11.78 -11.55 -3.51
CA ILE B 158 -10.64 -11.85 -2.69
C ILE B 158 -9.61 -10.73 -2.81
N ARG B 159 -9.33 -10.24 -4.03
CA ARG B 159 -8.37 -9.15 -4.18
C ARG B 159 -8.80 -7.90 -3.39
N ASN B 160 -10.09 -7.55 -3.43
CA ASN B 160 -10.54 -6.37 -2.71
C ASN B 160 -10.45 -6.56 -1.20
N ALA B 161 -10.79 -7.76 -0.71
CA ALA B 161 -10.74 -8.09 0.71
C ALA B 161 -9.30 -8.16 1.24
N CYS B 162 -8.39 -8.75 0.46
CA CYS B 162 -7.00 -8.83 0.88
C CYS B 162 -6.35 -7.45 0.87
N GLN B 163 -6.67 -6.63 -0.13
CA GLN B 163 -6.13 -5.28 -0.19
C GLN B 163 -6.57 -4.49 1.03
N MET B 164 -7.83 -4.67 1.43
CA MET B 164 -8.36 -4.04 2.63
C MET B 164 -7.57 -4.47 3.86
N LEU B 165 -7.35 -5.78 4.03
CA LEU B 165 -6.56 -6.24 5.18
C LEU B 165 -5.15 -5.63 5.15
N MET B 166 -4.63 -5.35 3.95
CA MET B 166 -3.29 -4.75 3.84
C MET B 166 -3.27 -3.30 4.32
N ILE B 167 -4.23 -2.51 3.82
CA ILE B 167 -4.34 -1.10 4.19
C ILE B 167 -4.60 -0.93 5.66
N LEU B 168 -5.46 -1.80 6.23
CA LEU B 168 -5.77 -1.66 7.63
C LEU B 168 -4.59 -2.00 8.50
N GLY B 169 -3.51 -2.48 7.88
CA GLY B 169 -2.27 -2.77 8.58
C GLY B 169 -1.49 -1.52 8.88
N LEU B 170 -1.97 -0.40 8.29
CA LEU B 170 -1.44 0.96 8.42
C LEU B 170 0.01 1.03 7.94
N GLU B 171 0.13 0.87 6.63
CA GLU B 171 1.42 0.80 5.94
C GLU B 171 2.27 -0.31 6.54
N GLY B 172 1.61 -1.46 6.69
CA GLY B 172 2.12 -2.69 7.25
C GLY B 172 1.13 -3.77 6.86
N ARG B 173 1.53 -5.00 7.12
CA ARG B 173 0.71 -6.17 6.77
C ARG B 173 0.19 -6.91 8.00
N SER B 174 0.37 -6.36 9.22
CA SER B 174 -0.04 -7.01 10.47
C SER B 174 -1.47 -7.52 10.40
N VAL B 175 -2.39 -6.71 9.88
CA VAL B 175 -3.78 -7.15 9.83
C VAL B 175 -3.89 -8.29 8.85
N TYR B 176 -3.32 -8.11 7.65
CA TYR B 176 -3.31 -9.15 6.64
C TYR B 176 -2.56 -10.41 7.10
N GLU B 177 -1.44 -10.25 7.79
CA GLU B 177 -0.74 -11.45 8.20
C GLU B 177 -1.53 -12.23 9.24
N GLU B 178 -1.98 -11.57 10.32
CA GLU B 178 -2.69 -12.27 11.38
C GLU B 178 -4.01 -12.84 10.92
N ASP B 179 -4.84 -12.03 10.31
CA ASP B 179 -6.18 -12.47 9.93
C ASP B 179 -6.18 -13.41 8.73
N PHE B 180 -5.35 -13.19 7.72
CA PHE B 180 -5.39 -14.02 6.52
C PHE B 180 -4.17 -14.89 6.27
N GLU B 181 -2.97 -14.32 6.13
CA GLU B 181 -1.81 -15.11 5.71
C GLU B 181 -1.55 -16.33 6.58
N ALA B 182 -1.49 -16.14 7.88
CA ALA B 182 -1.22 -17.25 8.78
C ALA B 182 -2.18 -18.42 8.61
N PRO B 183 -3.50 -18.24 8.69
CA PRO B 183 -4.37 -19.40 8.48
C PRO B 183 -4.33 -19.94 7.08
N PHE B 184 -4.06 -19.10 6.10
CA PHE B 184 -3.99 -19.54 4.71
C PHE B 184 -2.85 -20.49 4.51
N LEU B 185 -1.70 -20.14 5.04
CA LEU B 185 -0.53 -20.98 4.93
C LEU B 185 -0.72 -22.28 5.72
N GLU B 186 -1.44 -22.20 6.84
CA GLU B 186 -1.69 -23.43 7.60
C GLU B 186 -2.53 -24.43 6.81
N MET B 187 -3.68 -23.98 6.34
CA MET B 187 -4.58 -24.86 5.64
C MET B 187 -4.00 -25.28 4.30
N SER B 188 -3.12 -24.47 3.74
CA SER B 188 -2.50 -24.85 2.48
C SER B 188 -1.48 -25.94 2.74
N ALA B 189 -0.69 -25.81 3.80
CA ALA B 189 0.27 -26.87 4.07
C ALA B 189 -0.43 -28.20 4.20
N GLU B 190 -1.60 -28.23 4.87
CA GLU B 190 -2.35 -29.48 4.98
C GLU B 190 -2.89 -29.97 3.64
N PHE B 191 -3.34 -29.05 2.78
CA PHE B 191 -3.86 -29.49 1.49
C PHE B 191 -2.74 -30.06 0.64
N PHE B 192 -1.59 -29.40 0.61
CA PHE B 192 -0.50 -29.90 -0.19
C PHE B 192 0.00 -31.23 0.39
N GLN B 193 -0.08 -31.40 1.71
CA GLN B 193 0.31 -32.66 2.33
C GLN B 193 -0.56 -33.83 1.87
N MET B 194 -1.88 -33.65 1.85
CA MET B 194 -2.68 -34.80 1.42
C MET B 194 -2.51 -35.03 -0.07
N GLU B 195 -2.23 -33.95 -0.79
CA GLU B 195 -2.00 -34.02 -2.21
C GLU B 195 -0.73 -34.82 -2.48
N SER B 196 0.32 -34.60 -1.68
CA SER B 196 1.56 -35.36 -1.86
C SER B 196 1.35 -36.83 -1.54
N GLN B 197 0.59 -37.13 -0.49
CA GLN B 197 0.38 -38.55 -0.21
C GLN B 197 -0.25 -39.24 -1.42
N LYS B 198 -1.23 -38.61 -2.05
CA LYS B 198 -1.87 -39.27 -3.20
C LYS B 198 -0.91 -39.37 -4.39
N PHE B 199 -0.23 -38.28 -4.70
CA PHE B 199 0.67 -38.26 -5.84
C PHE B 199 1.80 -39.27 -5.67
N LEU B 200 2.31 -39.43 -4.44
CA LEU B 200 3.37 -40.40 -4.20
C LEU B 200 2.82 -41.80 -4.31
N ALA B 201 1.54 -41.94 -3.99
CA ALA B 201 0.85 -43.21 -3.96
C ALA B 201 0.57 -43.77 -5.34
N GLU B 202 0.53 -42.96 -6.38
CA GLU B 202 0.18 -43.56 -7.67
C GLU B 202 1.26 -43.27 -8.72
N ASN B 203 1.38 -42.02 -9.13
CA ASN B 203 2.30 -41.50 -10.14
C ASN B 203 3.79 -41.84 -10.02
N SER B 204 4.49 -41.78 -11.16
CA SER B 204 5.93 -41.99 -11.24
C SER B 204 6.66 -40.75 -10.72
N ALA B 205 7.98 -40.86 -10.56
CA ALA B 205 8.77 -39.72 -10.05
C ALA B 205 8.70 -38.55 -11.00
N SER B 206 8.75 -38.82 -12.31
CA SER B 206 8.68 -37.77 -13.32
C SER B 206 7.34 -37.07 -13.25
N VAL B 207 6.25 -37.85 -13.15
CA VAL B 207 4.92 -37.26 -13.08
C VAL B 207 4.77 -36.48 -11.78
N TYR B 208 5.34 -37.00 -10.68
CA TYR B 208 5.27 -36.27 -9.42
C TYR B 208 5.95 -34.91 -9.55
N ILE B 209 7.16 -34.88 -10.12
CA ILE B 209 7.88 -33.62 -10.31
C ILE B 209 7.09 -32.63 -11.18
N LYS B 210 6.52 -33.12 -12.31
CA LYS B 210 5.73 -32.22 -13.16
C LYS B 210 4.52 -31.67 -12.41
N LYS B 211 3.90 -32.48 -11.55
CA LYS B 211 2.75 -32.00 -10.79
C LYS B 211 3.17 -31.04 -9.69
N VAL B 212 4.43 -31.12 -9.24
CA VAL B 212 4.89 -30.17 -8.24
C VAL B 212 5.12 -28.83 -8.92
N GLU B 213 5.73 -28.83 -10.11
CA GLU B 213 5.90 -27.58 -10.85
C GLU B 213 4.54 -26.97 -11.16
N ALA B 214 3.58 -27.81 -11.54
CA ALA B 214 2.26 -27.32 -11.83
C ALA B 214 1.58 -26.74 -10.60
N ARG B 215 1.83 -27.33 -9.43
CA ARG B 215 1.21 -26.77 -8.23
C ARG B 215 1.88 -25.46 -7.86
N ILE B 216 3.21 -25.39 -8.00
CA ILE B 216 3.93 -24.15 -7.70
C ILE B 216 3.42 -23.01 -8.57
N ASN B 217 3.28 -23.28 -9.86
CA ASN B 217 2.81 -22.27 -10.78
C ASN B 217 1.38 -21.89 -10.47
N GLU B 218 0.56 -22.88 -10.12
CA GLU B 218 -0.84 -22.59 -9.83
C GLU B 218 -0.94 -21.66 -8.62
N GLU B 219 -0.08 -21.85 -7.63
CA GLU B 219 -0.16 -20.98 -6.47
C GLU B 219 0.41 -19.60 -6.76
N ILE B 220 1.38 -19.49 -7.66
CA ILE B 220 1.89 -18.17 -7.97
C ILE B 220 0.84 -17.37 -8.72
N GLU B 221 0.25 -17.96 -9.76
CA GLU B 221 -0.80 -17.25 -10.49
C GLU B 221 -1.95 -16.84 -9.54
N ARG B 222 -2.21 -17.65 -8.51
CA ARG B 222 -3.23 -17.31 -7.52
C ARG B 222 -2.83 -16.08 -6.72
N VAL B 223 -1.54 -15.99 -6.37
CA VAL B 223 -1.04 -14.84 -5.61
C VAL B 223 -1.13 -13.57 -6.45
N MET B 224 -0.83 -13.68 -7.75
CA MET B 224 -0.89 -12.52 -8.62
C MET B 224 -2.29 -12.00 -8.85
N HIS B 225 -3.30 -12.85 -8.76
CA HIS B 225 -4.64 -12.38 -9.09
C HIS B 225 -5.55 -12.18 -7.89
N CYS B 226 -5.21 -12.77 -6.76
CA CYS B 226 -6.04 -12.74 -5.56
C CYS B 226 -5.33 -12.18 -4.35
N LEU B 227 -4.12 -12.66 -4.06
CA LEU B 227 -3.44 -12.31 -2.82
C LEU B 227 -2.49 -11.11 -2.97
N ASP B 228 -1.71 -10.85 -1.93
CA ASP B 228 -0.73 -9.76 -1.96
C ASP B 228 0.60 -10.27 -2.48
N LYS B 229 1.31 -9.45 -3.28
CA LYS B 229 2.60 -9.91 -3.80
C LYS B 229 3.55 -10.40 -2.70
N SER B 230 3.40 -9.89 -1.48
CA SER B 230 4.33 -10.31 -0.46
C SER B 230 4.08 -11.71 0.03
N THR B 231 2.99 -12.36 -0.40
CA THR B 231 2.65 -13.73 0.00
C THR B 231 3.24 -14.75 -0.97
N GLU B 232 3.79 -14.30 -2.10
CA GLU B 232 4.36 -15.23 -3.07
C GLU B 232 5.43 -16.13 -2.45
N GLU B 233 6.42 -15.55 -1.80
CA GLU B 233 7.47 -16.37 -1.20
C GLU B 233 6.97 -17.33 -0.11
N PRO B 234 6.17 -16.91 0.87
CA PRO B 234 5.74 -17.90 1.87
C PRO B 234 4.95 -19.08 1.32
N ILE B 235 4.08 -18.85 0.34
CA ILE B 235 3.29 -19.99 -0.13
C ILE B 235 4.17 -20.94 -0.90
N VAL B 236 5.07 -20.43 -1.72
CA VAL B 236 5.92 -21.34 -2.45
C VAL B 236 6.76 -22.17 -1.49
N LYS B 237 7.24 -21.56 -0.41
CA LYS B 237 8.05 -22.34 0.54
C LYS B 237 7.21 -23.47 1.17
N VAL B 238 5.92 -23.20 1.43
CA VAL B 238 5.09 -24.26 1.99
C VAL B 238 4.89 -25.35 0.96
N VAL B 239 4.63 -24.97 -0.28
CA VAL B 239 4.53 -25.94 -1.35
C VAL B 239 5.85 -26.69 -1.45
N GLU B 240 6.96 -25.95 -1.40
CA GLU B 240 8.25 -26.57 -1.47
C GLU B 240 8.50 -27.48 -0.28
N ARG B 241 8.07 -27.07 0.90
CA ARG B 241 8.32 -27.91 2.08
C ARG B 241 7.51 -29.21 2.05
N GLU B 242 6.21 -29.12 1.79
CA GLU B 242 5.33 -30.29 1.87
C GLU B 242 5.49 -31.24 0.72
N LEU B 243 5.74 -30.74 -0.46
CA LEU B 243 5.84 -31.66 -1.59
C LEU B 243 7.26 -32.10 -1.84
N ILE B 244 8.27 -31.30 -1.50
CA ILE B 244 9.64 -31.69 -1.79
C ILE B 244 10.45 -32.06 -0.55
N SER B 245 10.79 -31.05 0.27
CA SER B 245 11.63 -31.28 1.44
C SER B 245 11.31 -32.55 2.26
N LYS B 246 10.03 -32.72 2.59
CA LYS B 246 9.61 -33.82 3.44
C LYS B 246 9.65 -35.17 2.74
N HIS B 247 9.87 -35.21 1.43
CA HIS B 247 9.90 -36.47 0.69
C HIS B 247 11.16 -36.56 -0.19
N MET B 248 12.20 -35.76 0.13
CA MET B 248 13.38 -35.75 -0.72
C MET B 248 13.95 -37.14 -1.01
N LYS B 249 14.32 -37.89 0.05
CA LYS B 249 14.91 -39.23 -0.15
C LYS B 249 13.90 -40.18 -0.75
N THR B 250 12.62 -39.95 -0.51
CA THR B 250 11.61 -40.84 -1.06
C THR B 250 11.54 -40.71 -2.58
N ILE B 251 11.52 -39.47 -3.08
CA ILE B 251 11.39 -39.20 -4.52
C ILE B 251 12.58 -39.74 -5.33
N VAL B 252 13.80 -39.42 -4.91
CA VAL B 252 14.95 -39.86 -5.70
C VAL B 252 15.05 -41.38 -5.71
N GLU B 253 14.62 -42.03 -4.62
CA GLU B 253 14.73 -43.48 -4.50
C GLU B 253 13.44 -44.19 -4.87
N MET B 254 12.51 -43.50 -5.50
CA MET B 254 11.24 -44.11 -5.91
C MET B 254 11.52 -45.33 -6.79
N GLU B 255 11.01 -46.47 -6.36
CA GLU B 255 11.19 -47.75 -7.02
C GLU B 255 10.70 -47.76 -8.46
N ASN B 256 11.62 -48.08 -9.39
CA ASN B 256 11.32 -48.16 -10.83
C ASN B 256 10.88 -46.85 -11.42
N SER B 257 11.32 -45.77 -10.83
CA SER B 257 10.92 -44.52 -11.39
C SER B 257 11.90 -43.44 -10.98
N GLY B 258 12.68 -43.70 -9.92
CA GLY B 258 13.58 -42.68 -9.44
C GLY B 258 14.81 -42.34 -10.29
N LEU B 259 15.65 -41.55 -9.62
CA LEU B 259 16.87 -41.00 -10.19
C LEU B 259 17.76 -42.06 -10.79
N VAL B 260 18.04 -43.12 -10.04
CA VAL B 260 18.93 -44.13 -10.59
C VAL B 260 18.34 -44.71 -11.88
N HIS B 261 17.03 -44.94 -11.89
CA HIS B 261 16.37 -45.44 -13.10
C HIS B 261 16.51 -44.48 -14.29
N MET B 262 16.33 -43.18 -14.04
CA MET B 262 16.47 -42.18 -15.11
C MET B 262 17.89 -42.21 -15.63
N LEU B 263 18.84 -42.44 -14.73
CA LEU B 263 20.25 -42.53 -15.05
C LEU B 263 20.51 -43.76 -15.92
N LYS B 264 19.80 -44.86 -15.63
CA LYS B 264 19.97 -46.10 -16.39
C LYS B 264 19.45 -45.98 -17.82
N ASN B 265 18.33 -45.30 -18.03
CA ASN B 265 17.74 -45.18 -19.37
C ASN B 265 18.07 -43.87 -20.07
N GLY B 266 18.97 -43.08 -19.49
CA GLY B 266 19.42 -41.82 -20.08
C GLY B 266 18.32 -40.81 -20.33
N LYS B 267 17.33 -40.77 -19.45
CA LYS B 267 16.22 -39.81 -19.55
C LYS B 267 16.81 -38.47 -19.08
N THR B 268 17.47 -37.79 -20.00
CA THR B 268 18.17 -36.55 -19.69
C THR B 268 17.23 -35.47 -19.15
N GLU B 269 16.13 -35.23 -19.84
CA GLU B 269 15.19 -34.19 -19.44
C GLU B 269 14.61 -34.44 -18.05
N ASP B 270 14.23 -35.68 -17.76
CA ASP B 270 13.63 -35.98 -16.46
C ASP B 270 14.60 -35.64 -15.32
N LEU B 271 15.89 -35.92 -15.50
CA LEU B 271 16.87 -35.61 -14.47
C LEU B 271 17.01 -34.10 -14.34
N GLY B 272 16.94 -33.37 -15.47
CA GLY B 272 17.00 -31.90 -15.44
C GLY B 272 15.81 -31.27 -14.74
N CYS B 273 14.63 -31.85 -14.91
CA CYS B 273 13.45 -31.34 -14.24
C CYS B 273 13.54 -31.61 -12.76
N MET B 274 14.16 -32.75 -12.40
CA MET B 274 14.38 -33.07 -11.00
C MET B 274 15.35 -32.08 -10.36
N TYR B 275 16.43 -31.76 -11.07
CA TYR B 275 17.40 -30.77 -10.61
C TYR B 275 16.70 -29.44 -10.38
N LYS B 276 15.89 -29.00 -11.36
CA LYS B 276 15.20 -27.72 -11.29
C LYS B 276 14.31 -27.67 -10.06
N LEU B 277 13.64 -28.78 -9.74
CA LEU B 277 12.76 -28.78 -8.57
C LEU B 277 13.53 -28.85 -7.25
N PHE B 278 14.55 -29.72 -7.17
CA PHE B 278 15.30 -29.90 -5.92
C PHE B 278 16.26 -28.76 -5.58
N SER B 279 16.64 -27.93 -6.54
CA SER B 279 17.50 -26.79 -6.25
C SER B 279 16.78 -25.68 -5.50
N ARG B 280 15.47 -25.78 -5.35
CA ARG B 280 14.65 -24.77 -4.68
C ARG B 280 14.78 -24.82 -3.17
N VAL B 281 14.94 -26.04 -2.63
CA VAL B 281 14.96 -26.35 -1.19
C VAL B 281 16.35 -26.66 -0.65
N PRO B 282 16.62 -26.40 0.63
CA PRO B 282 17.92 -26.76 1.20
C PRO B 282 18.05 -28.26 1.33
N ASN B 283 19.27 -28.74 1.07
CA ASN B 283 19.66 -30.15 1.07
C ASN B 283 19.03 -30.92 -0.08
N GLY B 284 18.39 -30.23 -1.03
CA GLY B 284 17.78 -30.91 -2.15
C GLY B 284 18.84 -31.52 -3.04
N LEU B 285 19.77 -30.68 -3.47
CA LEU B 285 20.86 -31.13 -4.31
C LEU B 285 21.77 -32.07 -3.54
N LYS B 286 21.87 -31.92 -2.21
CA LYS B 286 22.71 -32.86 -1.45
C LYS B 286 22.15 -34.29 -1.60
N THR B 287 20.82 -34.45 -1.48
CA THR B 287 20.17 -35.75 -1.67
C THR B 287 20.38 -36.29 -3.08
N MET B 288 20.24 -35.41 -4.07
CA MET B 288 20.47 -35.87 -5.43
C MET B 288 21.89 -36.39 -5.58
N CYS B 289 22.87 -35.68 -5.00
CA CYS B 289 24.28 -36.13 -5.07
C CYS B 289 24.52 -37.44 -4.34
N GLU B 290 24.00 -37.60 -3.13
CA GLU B 290 24.20 -38.83 -2.39
C GLU B 290 23.63 -40.01 -3.18
N CYS B 291 22.48 -39.81 -3.83
CA CYS B 291 21.86 -40.85 -4.66
C CYS B 291 22.73 -41.14 -5.88
N MET B 292 23.24 -40.09 -6.50
CA MET B 292 24.11 -40.22 -7.67
C MET B 292 25.43 -40.88 -7.30
N SER B 293 26.04 -40.49 -6.18
CA SER B 293 27.30 -41.09 -5.75
C SER B 293 27.11 -42.60 -5.59
N SER B 294 26.01 -42.99 -4.92
CA SER B 294 25.75 -44.43 -4.74
C SER B 294 25.63 -45.15 -6.09
N TYR B 295 24.92 -44.55 -7.06
CA TYR B 295 24.75 -45.20 -8.36
C TYR B 295 26.05 -45.19 -9.19
N LEU B 296 26.69 -44.03 -9.32
CA LEU B 296 27.92 -43.89 -10.10
C LEU B 296 29.05 -44.77 -9.56
N ARG B 297 29.19 -44.84 -8.23
CA ARG B 297 30.20 -45.72 -7.62
C ARG B 297 29.86 -47.18 -7.85
N GLU B 298 28.58 -47.54 -7.72
CA GLU B 298 28.17 -48.92 -7.97
C GLU B 298 28.42 -49.33 -9.42
N GLN B 299 28.18 -48.42 -10.34
CA GLN B 299 28.41 -48.68 -11.75
C GLN B 299 29.91 -48.79 -12.03
N GLY B 300 30.71 -47.89 -11.44
CA GLY B 300 32.15 -47.90 -11.65
C GLY B 300 32.89 -49.11 -11.13
N LYS B 301 32.56 -49.59 -9.93
CA LYS B 301 33.24 -50.80 -9.44
C LYS B 301 32.90 -52.05 -10.28
N ALA B 302 31.66 -52.12 -10.78
CA ALA B 302 31.27 -53.24 -11.62
C ALA B 302 31.90 -53.14 -12.99
N LEU B 303 32.21 -51.91 -13.45
CA LEU B 303 32.85 -51.74 -14.75
C LEU B 303 34.35 -52.07 -14.64
N VAL B 304 35.01 -51.67 -13.54
CA VAL B 304 36.43 -51.97 -13.38
C VAL B 304 36.68 -53.43 -12.97
N SER B 305 35.65 -54.15 -12.54
CA SER B 305 35.85 -55.55 -12.19
C SER B 305 35.64 -56.46 -13.38
N VAL B 314 39.40 -53.42 -26.07
CA VAL B 314 38.86 -52.15 -26.54
C VAL B 314 37.47 -51.84 -25.94
N ASP B 315 36.71 -52.91 -25.70
CA ASP B 315 35.37 -52.77 -25.13
C ASP B 315 35.38 -52.22 -23.72
N TYR B 316 36.41 -52.54 -22.92
CA TYR B 316 36.43 -52.00 -21.56
C TYR B 316 36.67 -50.50 -21.57
N ARG B 317 37.58 -50.02 -22.44
CA ARG B 317 37.83 -48.58 -22.50
C ARG B 317 36.67 -47.81 -23.13
N GLN B 318 35.99 -48.38 -24.15
CA GLN B 318 34.86 -47.62 -24.69
C GLN B 318 33.73 -47.59 -23.67
N GLY B 319 33.57 -48.66 -22.89
CA GLY B 319 32.55 -48.66 -21.85
C GLY B 319 32.81 -47.59 -20.80
N LEU B 320 34.09 -47.41 -20.42
CA LEU B 320 34.43 -46.38 -19.43
C LEU B 320 34.33 -44.97 -20.00
N ASP B 321 34.64 -44.78 -21.28
CA ASP B 321 34.54 -43.45 -21.89
C ASP B 321 33.07 -43.09 -22.10
N ASP B 322 32.25 -44.08 -22.46
CA ASP B 322 30.82 -43.80 -22.60
C ASP B 322 30.22 -43.51 -21.23
N LEU B 323 30.71 -44.16 -20.16
CA LEU B 323 30.17 -43.82 -18.85
C LEU B 323 30.61 -42.41 -18.42
N LYS B 324 31.88 -42.04 -18.69
CA LYS B 324 32.36 -40.70 -18.34
C LYS B 324 31.65 -39.65 -19.19
N SER B 325 31.58 -39.89 -20.50
CA SER B 325 30.90 -38.97 -21.43
C SER B 325 29.42 -38.86 -21.08
N ARG B 326 28.81 -39.97 -20.66
CA ARG B 326 27.40 -39.95 -20.29
C ARG B 326 27.19 -39.03 -19.11
N PHE B 327 28.03 -39.15 -18.07
CA PHE B 327 27.83 -38.30 -16.90
C PHE B 327 28.29 -36.85 -17.14
N ASP B 328 29.21 -36.60 -18.09
CA ASP B 328 29.57 -35.21 -18.42
C ASP B 328 28.41 -34.57 -19.17
N ARG B 329 27.72 -35.41 -19.95
CA ARG B 329 26.55 -34.99 -20.68
C ARG B 329 25.46 -34.65 -19.68
N PHE B 330 25.28 -35.52 -18.71
CA PHE B 330 24.31 -35.27 -17.67
C PHE B 330 24.63 -33.97 -16.93
N LEU B 331 25.93 -33.73 -16.63
CA LEU B 331 26.34 -32.51 -15.92
C LEU B 331 26.07 -31.23 -16.68
N LEU B 332 26.37 -31.20 -17.97
CA LEU B 332 26.16 -29.94 -18.70
C LEU B 332 24.71 -29.74 -19.09
N GLU B 333 24.09 -30.78 -19.65
CA GLU B 333 22.73 -30.69 -20.17
C GLU B 333 21.66 -30.74 -19.09
N SER B 334 21.91 -31.39 -17.95
CA SER B 334 20.87 -31.52 -16.92
C SER B 334 21.20 -30.81 -15.61
N PHE B 335 22.43 -30.92 -15.11
CA PHE B 335 22.80 -30.36 -13.82
C PHE B 335 23.39 -28.95 -13.93
N ASN B 336 23.18 -28.27 -15.06
CA ASN B 336 23.63 -26.89 -15.28
C ASN B 336 25.09 -26.67 -14.88
N ASN B 337 25.92 -27.70 -15.08
CA ASN B 337 27.34 -27.64 -14.71
C ASN B 337 27.45 -27.10 -13.28
N ASP B 338 26.67 -27.71 -12.38
CA ASP B 338 26.63 -27.26 -10.99
C ASP B 338 27.93 -27.58 -10.28
N ARG B 339 28.40 -26.59 -9.51
CA ARG B 339 29.65 -26.70 -8.78
C ARG B 339 29.64 -27.92 -7.88
N LEU B 340 28.52 -28.13 -7.20
CA LEU B 340 28.36 -29.28 -6.32
C LEU B 340 28.43 -30.58 -7.10
N PHE B 341 27.73 -30.64 -8.23
CA PHE B 341 27.70 -31.84 -9.07
C PHE B 341 29.03 -32.09 -9.75
N LYS B 342 29.72 -31.03 -10.18
CA LYS B 342 31.01 -31.24 -10.82
C LYS B 342 32.01 -31.80 -9.81
N GLN B 343 31.99 -31.26 -8.58
CA GLN B 343 32.89 -31.79 -7.55
C GLN B 343 32.54 -33.23 -7.18
N THR B 344 31.24 -33.58 -7.16
CA THR B 344 30.83 -34.94 -6.80
C THR B 344 31.22 -35.95 -7.87
N ILE B 345 30.88 -35.67 -9.13
CA ILE B 345 31.24 -36.57 -10.22
C ILE B 345 32.74 -36.79 -10.26
N ALA B 346 33.51 -35.70 -10.14
CA ALA B 346 34.97 -35.84 -10.15
C ALA B 346 35.44 -36.68 -8.96
N GLY B 347 34.98 -36.37 -7.74
CA GLY B 347 35.36 -37.15 -6.56
C GLY B 347 35.06 -38.64 -6.64
N ASP B 348 33.92 -38.99 -7.25
CA ASP B 348 33.53 -40.39 -7.41
C ASP B 348 34.46 -41.08 -8.39
N PHE B 349 34.78 -40.41 -9.49
CA PHE B 349 35.70 -40.97 -10.47
C PHE B 349 37.07 -41.16 -9.82
N GLU B 350 37.48 -40.23 -8.94
CA GLU B 350 38.76 -40.32 -8.23
C GLU B 350 38.77 -41.45 -7.20
N TYR B 351 37.60 -41.98 -6.84
CA TYR B 351 37.54 -43.09 -5.88
C TYR B 351 37.69 -44.44 -6.62
N PHE B 352 36.80 -44.71 -7.59
CA PHE B 352 36.88 -46.03 -8.24
C PHE B 352 38.05 -46.16 -9.21
N LEU B 353 38.57 -45.05 -9.75
CA LEU B 353 39.73 -45.19 -10.64
C LEU B 353 41.03 -45.49 -9.88
N ASN B 354 41.09 -45.12 -8.59
CA ASN B 354 42.21 -45.35 -7.68
C ASN B 354 42.13 -46.68 -6.93
N LEU B 355 40.94 -47.31 -6.85
CA LEU B 355 40.80 -48.53 -6.05
C LEU B 355 41.76 -49.67 -6.46
N ASN B 356 41.80 -50.08 -7.72
CA ASN B 356 42.76 -51.17 -7.98
C ASN B 356 44.15 -50.63 -8.31
#